data_8PFP
#
_entry.id   8PFP
#
_cell.length_a   46.964
_cell.length_b   47.707
_cell.length_c   55.021
_cell.angle_alpha   82.37
_cell.angle_beta   67.15
_cell.angle_gamma   63.65
#
_symmetry.space_group_name_H-M   'P 1'
#
loop_
_entity.id
_entity.type
_entity.pdbx_description
1 polymer "Bifunctional 3'-5' exonuclease/ATP-dependent helicase WRN"
2 non-polymer 'ZINC ION'
3 non-polymer 'PHOSPHOTHIOPHOSPHORIC ACID-ADENYLATE ESTER'
4 water water
#
_entity_poly.entity_id   1
_entity_poly.type   'polypeptide(L)'
_entity_poly.pdbx_seq_one_letter_code
;GPNEGEEDDDKDFLWPAPNEEQVTCLKMYFGHSSFKPVQWKVIHSVLEERRDNVAVMATGYGKSLCFQYPPVYVGKIGLV
ISPLISLMEDQVLQLKMSNIPACFLGSAQSANVLTDIKLGKYRIVYVTPEYCSGNMGLLQQLEADIGITLIAVDEAHCIS
EWGHDFRDSFRKLGSLKTALPMVPIVALTATASSSIREDIVACLNLRNPQITCTGFDRPNLYLEVRRKTGNILQDLQPFL
VKTSSHWEFEGPTIIYCPSRKMTQQVTGELRKLNLSCGTYHAGMSFSTRADIHHRFVRDEIQCVIATIAFGMGINKADIR
QVIHYGAPKDMESYYQEIGRAGRDGLQSSCHVLWAPADINLNRHLLTEIRNAKFRLYKLKMMAKMEKYLHSSRCRRQIIL
SHFEDKQVQKASLGIMGTEKCCDNCRSALDH
;
_entity_poly.pdbx_strand_id   A
#
loop_
_chem_comp.id
_chem_comp.type
_chem_comp.name
_chem_comp.formula
AGS non-polymer 'PHOSPHOTHIOPHOSPHORIC ACID-ADENYLATE ESTER' 'C10 H16 N5 O12 P3 S'
ZN non-polymer 'ZINC ION' 'Zn 2'
#
# COMPACT_ATOMS: atom_id res chain seq x y z
N LYS A 11 15.38 -14.24 10.55
CA LYS A 11 15.23 -15.50 9.84
C LYS A 11 13.80 -15.70 9.33
N ASP A 12 13.63 -16.50 8.28
CA ASP A 12 12.30 -16.85 7.78
C ASP A 12 11.75 -18.12 8.48
N PHE A 13 12.28 -18.45 9.67
CA PHE A 13 11.83 -19.59 10.47
C PHE A 13 10.72 -19.11 11.39
N LEU A 14 9.50 -19.62 11.21
CA LEU A 14 8.37 -19.16 12.02
C LEU A 14 8.40 -19.76 13.38
N TRP A 15 8.36 -18.90 14.40
CA TRP A 15 8.39 -19.40 15.77
C TRP A 15 7.43 -18.67 16.68
N PRO A 16 6.54 -19.40 17.36
CA PRO A 16 6.28 -20.83 17.25
C PRO A 16 5.62 -21.15 15.91
N ALA A 17 5.60 -22.44 15.54
CA ALA A 17 5.04 -22.83 14.26
C ALA A 17 3.52 -22.67 14.30
N PRO A 18 2.92 -22.09 13.25
CA PRO A 18 1.44 -22.02 13.19
C PRO A 18 0.85 -23.43 13.27
N ASN A 19 -0.14 -23.62 14.14
CA ASN A 19 -0.74 -24.94 14.35
C ASN A 19 -1.75 -25.27 13.23
N GLU A 20 -2.32 -26.48 13.27
CA GLU A 20 -3.26 -26.90 12.24
C GLU A 20 -4.52 -26.05 12.18
N GLU A 21 -5.09 -25.64 13.32
CA GLU A 21 -6.30 -24.80 13.36
C GLU A 21 -5.97 -23.44 12.69
N GLN A 22 -4.76 -22.91 12.94
CA GLN A 22 -4.35 -21.62 12.36
C GLN A 22 -4.16 -21.67 10.84
N VAL A 23 -3.49 -22.70 10.32
CA VAL A 23 -3.25 -22.85 8.90
C VAL A 23 -4.56 -23.13 8.10
N THR A 24 -5.44 -23.97 8.65
CA THR A 24 -6.71 -24.24 7.97
C THR A 24 -7.60 -22.98 7.97
N CYS A 25 -7.55 -22.21 9.06
CA CYS A 25 -8.29 -20.94 9.11
C CYS A 25 -7.78 -19.96 8.05
N LEU A 26 -6.45 -19.90 7.88
CA LEU A 26 -5.84 -19.00 6.91
C LEU A 26 -6.32 -19.38 5.49
N LYS A 27 -6.36 -20.67 5.19
CA LYS A 27 -6.82 -21.14 3.88
C LYS A 27 -8.33 -20.85 3.69
N MET A 28 -9.13 -21.20 4.67
CA MET A 28 -10.59 -21.05 4.58
C MET A 28 -11.02 -19.61 4.35
N TYR A 29 -10.42 -18.65 5.09
CA TYR A 29 -10.85 -17.26 5.00
C TYR A 29 -10.04 -16.35 4.12
N PHE A 30 -8.79 -16.72 3.82
CA PHE A 30 -7.90 -15.85 3.05
C PHE A 30 -7.30 -16.50 1.81
N GLY A 31 -7.43 -17.81 1.68
CA GLY A 31 -6.95 -18.55 0.52
C GLY A 31 -5.46 -18.82 0.50
N HIS A 32 -4.71 -18.33 1.53
CA HIS A 32 -3.25 -18.54 1.55
C HIS A 32 -2.88 -19.88 2.20
N SER A 33 -1.76 -20.49 1.72
CA SER A 33 -1.27 -21.77 2.22
CA SER A 33 -1.29 -21.77 2.25
C SER A 33 -0.22 -21.64 3.35
N SER A 34 0.30 -20.44 3.57
CA SER A 34 1.31 -20.22 4.60
C SER A 34 1.35 -18.79 5.01
N PHE A 35 1.85 -18.50 6.21
CA PHE A 35 2.02 -17.13 6.66
C PHE A 35 3.42 -16.62 6.28
N LYS A 36 3.52 -15.36 5.87
CA LYS A 36 4.83 -14.77 5.61
C LYS A 36 5.48 -14.44 6.93
N PRO A 37 6.82 -14.44 6.98
CA PRO A 37 7.51 -14.24 8.26
C PRO A 37 7.12 -13.00 9.07
N VAL A 38 7.07 -11.78 8.48
CA VAL A 38 6.75 -10.60 9.28
C VAL A 38 5.29 -10.64 9.71
N GLN A 39 4.38 -11.15 8.81
CA GLN A 39 2.96 -11.30 9.14
C GLN A 39 2.82 -12.15 10.38
N TRP A 40 3.52 -13.29 10.40
CA TRP A 40 3.44 -14.23 11.50
C TRP A 40 3.95 -13.65 12.75
N LYS A 41 5.06 -12.89 12.70
CA LYS A 41 5.61 -12.28 13.91
C LYS A 41 4.60 -11.37 14.57
N VAL A 42 3.89 -10.57 13.75
CA VAL A 42 2.88 -9.65 14.23
C VAL A 42 1.64 -10.39 14.73
N ILE A 43 1.13 -11.33 13.93
CA ILE A 43 -0.09 -12.08 14.27
C ILE A 43 0.10 -12.86 15.59
N HIS A 44 1.21 -13.56 15.71
CA HIS A 44 1.50 -14.30 16.93
C HIS A 44 1.61 -13.37 18.14
N SER A 45 2.30 -12.22 17.97
CA SER A 45 2.48 -11.31 19.09
C SER A 45 1.13 -10.75 19.55
N VAL A 46 0.23 -10.46 18.60
CA VAL A 46 -1.08 -9.96 18.94
C VAL A 46 -1.88 -11.02 19.67
N LEU A 47 -1.90 -12.25 19.13
CA LEU A 47 -2.74 -13.32 19.70
C LEU A 47 -2.22 -13.88 21.02
N GLU A 48 -0.92 -14.20 21.10
CA GLU A 48 -0.36 -14.85 22.27
C GLU A 48 0.22 -13.90 23.31
N GLU A 49 0.90 -12.85 22.87
CA GLU A 49 1.52 -11.91 23.81
C GLU A 49 0.62 -10.69 24.08
N ARG A 50 -0.45 -10.47 23.27
CA ARG A 50 -1.37 -9.31 23.37
C ARG A 50 -0.56 -8.00 23.43
N ARG A 51 0.43 -7.92 22.56
CA ARG A 51 1.39 -6.84 22.60
C ARG A 51 1.19 -5.83 21.50
N ASP A 52 1.42 -4.54 21.79
CA ASP A 52 1.38 -3.53 20.72
C ASP A 52 2.49 -3.83 19.72
N ASN A 53 2.25 -3.46 18.45
CA ASN A 53 3.21 -3.73 17.41
C ASN A 53 3.31 -2.56 16.47
N VAL A 54 4.52 -2.24 16.03
CA VAL A 54 4.74 -1.28 14.95
C VAL A 54 5.33 -2.15 13.85
N ALA A 55 4.61 -2.33 12.75
CA ALA A 55 5.03 -3.19 11.65
C ALA A 55 5.40 -2.30 10.50
N VAL A 56 6.69 -2.25 10.20
CA VAL A 56 7.19 -1.47 9.08
C VAL A 56 7.20 -2.45 7.91
N MET A 57 6.24 -2.29 7.01
CA MET A 57 6.08 -3.24 5.93
C MET A 57 6.10 -2.60 4.56
N ALA A 58 6.92 -3.16 3.70
CA ALA A 58 7.01 -2.70 2.33
C ALA A 58 5.75 -3.12 1.61
N THR A 59 5.40 -2.37 0.60
CA THR A 59 4.20 -2.60 -0.20
C THR A 59 4.22 -4.00 -0.83
N GLY A 60 3.04 -4.63 -0.87
CA GLY A 60 2.92 -5.97 -1.43
C GLY A 60 3.31 -7.13 -0.53
N TYR A 61 3.77 -6.86 0.70
CA TYR A 61 4.14 -7.92 1.62
C TYR A 61 2.87 -8.65 2.11
N GLY A 62 1.88 -7.91 2.57
CA GLY A 62 0.65 -8.50 3.09
C GLY A 62 0.35 -7.92 4.46
N LYS A 63 0.31 -6.61 4.52
CA LYS A 63 0.07 -5.91 5.80
C LYS A 63 -1.33 -6.10 6.32
N SER A 64 -2.31 -6.26 5.43
CA SER A 64 -3.71 -6.35 5.83
C SER A 64 -4.02 -7.60 6.60
N LEU A 65 -3.27 -8.68 6.33
CA LEU A 65 -3.51 -9.92 7.07
C LEU A 65 -3.19 -9.75 8.56
N CYS A 66 -2.28 -8.85 8.91
CA CYS A 66 -1.90 -8.58 10.31
C CYS A 66 -3.08 -8.22 11.16
N PHE A 67 -4.04 -7.48 10.58
CA PHE A 67 -5.20 -7.09 11.36
C PHE A 67 -6.46 -7.86 11.00
N GLN A 68 -6.55 -8.45 9.78
CA GLN A 68 -7.78 -9.18 9.44
C GLN A 68 -7.80 -10.58 10.02
N TYR A 69 -6.64 -11.25 10.01
CA TYR A 69 -6.58 -12.66 10.45
C TYR A 69 -6.85 -12.85 11.94
N PRO A 70 -6.21 -12.12 12.87
CA PRO A 70 -6.43 -12.42 14.29
C PRO A 70 -7.91 -12.46 14.73
N PRO A 71 -8.75 -11.46 14.42
CA PRO A 71 -10.16 -11.52 14.86
C PRO A 71 -10.95 -12.59 14.17
N VAL A 72 -10.58 -12.96 12.94
CA VAL A 72 -11.26 -14.04 12.24
C VAL A 72 -10.91 -15.39 12.92
N TYR A 73 -9.64 -15.58 13.30
CA TYR A 73 -9.22 -16.82 13.95
C TYR A 73 -9.94 -17.01 15.32
N VAL A 74 -9.99 -15.93 16.15
CA VAL A 74 -10.64 -16.08 17.47
C VAL A 74 -12.14 -15.74 17.48
N GLY A 75 -12.65 -15.27 16.34
CA GLY A 75 -14.06 -14.95 16.22
C GLY A 75 -14.50 -13.79 17.08
N LYS A 76 -13.65 -12.77 17.21
CA LYS A 76 -13.99 -11.60 18.00
C LYS A 76 -14.00 -10.32 17.11
N ILE A 77 -13.56 -9.16 17.62
CA ILE A 77 -13.59 -7.92 16.84
C ILE A 77 -12.19 -7.37 16.61
N GLY A 78 -11.90 -6.94 15.39
CA GLY A 78 -10.68 -6.20 15.09
C GLY A 78 -11.20 -4.80 14.75
N LEU A 79 -10.71 -3.74 15.42
CA LEU A 79 -11.18 -2.38 15.16
C LEU A 79 -10.17 -1.72 14.25
N VAL A 80 -10.58 -1.31 13.04
CA VAL A 80 -9.66 -0.71 12.10
C VAL A 80 -9.98 0.77 12.01
N ILE A 81 -9.03 1.62 12.38
CA ILE A 81 -9.26 3.05 12.43
C ILE A 81 -8.62 3.76 11.25
N SER A 82 -9.43 4.48 10.48
CA SER A 82 -8.91 5.19 9.31
C SER A 82 -9.81 6.34 8.95
N PRO A 83 -9.24 7.46 8.49
CA PRO A 83 -10.09 8.57 8.02
C PRO A 83 -10.58 8.33 6.56
N LEU A 84 -10.15 7.24 5.88
CA LEU A 84 -10.53 7.01 4.47
C LEU A 84 -11.78 6.18 4.37
N ILE A 85 -12.95 6.82 4.45
CA ILE A 85 -14.23 6.12 4.48
C ILE A 85 -14.49 5.25 3.25
N SER A 86 -14.25 5.77 2.03
CA SER A 86 -14.51 4.96 0.82
C SER A 86 -13.58 3.76 0.68
N LEU A 87 -12.34 3.85 1.18
CA LEU A 87 -11.42 2.72 1.15
C LEU A 87 -11.93 1.62 2.13
N MET A 88 -12.41 2.02 3.32
CA MET A 88 -12.92 1.06 4.27
C MET A 88 -14.19 0.39 3.73
N GLU A 89 -15.08 1.15 3.07
CA GLU A 89 -16.30 0.58 2.49
C GLU A 89 -15.94 -0.50 1.44
N ASP A 90 -14.88 -0.26 0.67
CA ASP A 90 -14.39 -1.21 -0.34
C ASP A 90 -13.81 -2.45 0.32
N GLN A 91 -13.02 -2.29 1.42
CA GLN A 91 -12.49 -3.46 2.14
C GLN A 91 -13.64 -4.30 2.71
N VAL A 92 -14.77 -3.67 3.13
CA VAL A 92 -15.91 -4.44 3.64
C VAL A 92 -16.39 -5.46 2.56
N LEU A 93 -16.40 -5.00 1.29
CA LEU A 93 -16.84 -5.81 0.17
C LEU A 93 -15.85 -6.89 -0.18
N GLN A 94 -14.53 -6.59 -0.13
CA GLN A 94 -13.48 -7.62 -0.35
C GLN A 94 -13.65 -8.73 0.70
N LEU A 95 -13.88 -8.31 1.98
CA LEU A 95 -14.05 -9.25 3.05
C LEU A 95 -15.30 -10.07 2.86
N LYS A 96 -16.38 -9.44 2.38
CA LYS A 96 -17.65 -10.11 2.11
C LYS A 96 -17.46 -11.27 1.12
N MET A 97 -16.68 -11.04 0.06
CA MET A 97 -16.37 -12.05 -0.96
C MET A 97 -15.59 -13.24 -0.39
N SER A 98 -14.91 -13.06 0.75
CA SER A 98 -14.19 -14.14 1.44
C SER A 98 -14.98 -14.74 2.61
N ASN A 99 -16.28 -14.38 2.75
CA ASN A 99 -17.15 -14.84 3.83
C ASN A 99 -16.70 -14.34 5.22
N ILE A 100 -16.11 -13.14 5.25
CA ILE A 100 -15.69 -12.51 6.50
C ILE A 100 -16.64 -11.31 6.72
N PRO A 101 -17.46 -11.33 7.79
CA PRO A 101 -18.37 -10.20 8.02
C PRO A 101 -17.66 -9.00 8.58
N ALA A 102 -17.86 -7.86 7.93
CA ALA A 102 -17.26 -6.62 8.32
C ALA A 102 -18.26 -5.48 8.13
N CYS A 103 -18.08 -4.40 8.87
CA CYS A 103 -18.98 -3.26 8.72
C CYS A 103 -18.24 -1.97 8.93
N PHE A 104 -18.85 -0.87 8.49
CA PHE A 104 -18.32 0.45 8.78
C PHE A 104 -19.23 1.01 9.88
N LEU A 105 -18.64 1.48 10.97
CA LEU A 105 -19.38 2.04 12.08
C LEU A 105 -19.13 3.54 12.16
N GLY A 106 -20.22 4.30 12.08
CA GLY A 106 -20.18 5.76 12.14
C GLY A 106 -21.36 6.34 12.90
N SER A 107 -21.38 7.67 13.09
CA SER A 107 -22.47 8.33 13.81
C SER A 107 -23.75 8.40 12.94
N SER A 110 -25.24 4.74 12.19
CA SER A 110 -25.19 3.28 12.11
C SER A 110 -25.97 2.61 13.26
N ALA A 111 -27.31 2.73 13.22
CA ALA A 111 -28.19 2.16 14.23
C ALA A 111 -28.35 0.64 14.07
N ASN A 112 -28.59 0.18 12.82
CA ASN A 112 -28.75 -1.24 12.52
C ASN A 112 -27.41 -2.01 12.57
N VAL A 113 -26.26 -1.31 12.59
CA VAL A 113 -24.97 -2.01 12.62
C VAL A 113 -24.44 -2.10 14.06
N LEU A 114 -24.63 -1.08 14.92
CA LEU A 114 -24.11 -1.14 16.29
C LEU A 114 -24.75 -2.24 17.13
N THR A 115 -26.06 -2.48 16.92
CA THR A 115 -26.78 -3.55 17.60
C THR A 115 -26.18 -4.91 17.20
N ASP A 116 -25.91 -5.07 15.90
CA ASP A 116 -25.34 -6.27 15.31
C ASP A 116 -23.87 -6.46 15.72
N ILE A 117 -23.11 -5.36 15.91
CA ILE A 117 -21.73 -5.48 16.42
C ILE A 117 -21.78 -6.06 17.84
N LYS A 118 -22.75 -5.60 18.67
CA LYS A 118 -22.93 -6.12 20.03
C LYS A 118 -23.40 -7.58 20.07
N LEU A 119 -24.02 -8.07 18.98
CA LEU A 119 -24.45 -9.46 18.89
C LEU A 119 -23.33 -10.43 18.40
N GLY A 120 -22.16 -9.90 18.04
CA GLY A 120 -21.03 -10.70 17.56
C GLY A 120 -21.06 -10.99 16.07
N LYS A 121 -21.83 -10.22 15.30
CA LYS A 121 -22.01 -10.48 13.88
C LYS A 121 -20.87 -10.00 13.00
N TYR A 122 -20.02 -9.09 13.50
CA TYR A 122 -18.93 -8.53 12.68
C TYR A 122 -17.56 -8.83 13.23
N ARG A 123 -16.67 -9.31 12.35
CA ARG A 123 -15.29 -9.58 12.77
C ARG A 123 -14.44 -8.31 12.69
N ILE A 124 -14.63 -7.54 11.62
CA ILE A 124 -13.83 -6.35 11.40
C ILE A 124 -14.75 -5.17 11.42
N VAL A 125 -14.43 -4.19 12.26
CA VAL A 125 -15.23 -3.01 12.39
C VAL A 125 -14.42 -1.84 12.03
N TYR A 126 -14.82 -1.14 10.96
CA TYR A 126 -14.07 0.02 10.50
C TYR A 126 -14.68 1.26 11.09
N VAL A 127 -13.88 2.16 11.65
CA VAL A 127 -14.36 3.43 12.25
C VAL A 127 -13.36 4.54 11.89
N THR A 128 -13.81 5.82 11.90
CA THR A 128 -12.88 6.92 11.65
C THR A 128 -12.26 7.37 13.01
N PRO A 129 -11.10 8.05 13.04
CA PRO A 129 -10.57 8.57 14.31
C PRO A 129 -11.54 9.51 15.03
N GLU A 130 -12.35 10.28 14.25
CA GLU A 130 -13.34 11.21 14.78
C GLU A 130 -14.38 10.47 15.60
N TYR A 131 -14.84 9.32 15.07
CA TYR A 131 -15.80 8.47 15.76
C TYR A 131 -15.24 7.97 17.09
N CYS A 132 -13.98 7.51 17.09
CA CYS A 132 -13.33 6.98 18.29
C CYS A 132 -13.27 7.98 19.41
N SER A 133 -12.92 9.22 19.09
CA SER A 133 -12.78 10.26 20.10
C SER A 133 -14.08 10.56 20.83
N GLY A 134 -15.19 10.44 20.13
CA GLY A 134 -16.50 10.71 20.72
C GLY A 134 -17.17 9.51 21.34
N ASN A 135 -16.68 8.30 21.08
CA ASN A 135 -17.32 7.08 21.58
C ASN A 135 -16.38 6.07 22.27
N MET A 136 -15.45 6.53 23.13
CA MET A 136 -14.56 5.64 23.86
C MET A 136 -15.32 4.68 24.80
N GLY A 137 -16.36 5.20 25.46
CA GLY A 137 -17.17 4.40 26.36
C GLY A 137 -17.84 3.25 25.63
N LEU A 138 -18.29 3.49 24.40
CA LEU A 138 -18.86 2.44 23.57
C LEU A 138 -17.78 1.36 23.26
N LEU A 139 -16.56 1.77 22.89
CA LEU A 139 -15.50 0.81 22.60
C LEU A 139 -15.13 -0.02 23.84
N GLN A 140 -15.14 0.61 25.03
CA GLN A 140 -14.93 -0.13 26.29
C GLN A 140 -16.03 -1.19 26.46
N GLN A 141 -17.28 -0.83 26.11
CA GLN A 141 -18.40 -1.76 26.19
C GLN A 141 -18.16 -2.95 25.24
N LEU A 142 -17.66 -2.71 24.02
CA LEU A 142 -17.41 -3.81 23.09
C LEU A 142 -16.32 -4.72 23.61
N GLU A 143 -15.26 -4.14 24.18
CA GLU A 143 -14.16 -4.94 24.71
C GLU A 143 -14.67 -5.78 25.90
N ALA A 144 -15.50 -5.18 26.77
CA ALA A 144 -16.02 -5.93 27.92
C ALA A 144 -16.99 -7.04 27.51
N ASP A 145 -17.87 -6.76 26.55
CA ASP A 145 -18.93 -7.70 26.15
C ASP A 145 -18.50 -8.77 25.15
N ILE A 146 -17.75 -8.40 24.12
CA ILE A 146 -17.35 -9.34 23.08
C ILE A 146 -15.86 -9.60 23.10
N GLY A 147 -15.09 -8.52 23.24
CA GLY A 147 -13.64 -8.57 23.20
C GLY A 147 -13.09 -7.97 21.92
N ILE A 148 -12.08 -7.12 22.06
CA ILE A 148 -11.43 -6.53 20.89
C ILE A 148 -10.09 -7.19 20.77
N THR A 149 -9.87 -7.97 19.69
CA THR A 149 -8.63 -8.72 19.49
C THR A 149 -7.47 -7.78 19.25
N LEU A 150 -7.73 -6.71 18.47
CA LEU A 150 -6.73 -5.70 18.22
C LEU A 150 -7.36 -4.43 17.66
N ILE A 151 -6.59 -3.36 17.67
CA ILE A 151 -6.91 -2.09 17.03
C ILE A 151 -5.84 -1.91 15.97
N ALA A 152 -6.20 -1.57 14.73
CA ALA A 152 -5.21 -1.37 13.68
C ALA A 152 -5.26 0.06 13.20
N VAL A 153 -4.10 0.67 13.06
CA VAL A 153 -3.99 2.04 12.55
C VAL A 153 -2.92 1.99 11.45
N ASP A 154 -3.23 2.52 10.24
CA ASP A 154 -2.25 2.54 9.15
C ASP A 154 -1.79 3.98 8.97
N GLU A 155 -0.50 4.23 9.22
CA GLU A 155 0.16 5.53 9.10
C GLU A 155 -0.05 6.08 7.70
N ALA A 156 0.07 5.21 6.65
CA ALA A 156 -0.10 5.59 5.26
C ALA A 156 -1.46 6.20 4.97
N HIS A 157 -2.50 5.84 5.76
CA HIS A 157 -3.83 6.41 5.54
C HIS A 157 -3.93 7.91 5.88
N CYS A 158 -2.78 8.56 6.21
CA CYS A 158 -2.71 9.98 6.53
C CYS A 158 -2.35 10.81 5.27
N ILE A 159 -2.57 10.27 4.05
CA ILE A 159 -2.28 10.98 2.81
C ILE A 159 -3.31 12.09 2.57
N GLY A 163 -5.02 17.50 6.70
CA GLY A 163 -4.56 16.21 7.19
C GLY A 163 -3.31 15.73 6.48
N HIS A 164 -2.22 16.46 6.61
CA HIS A 164 -0.96 16.12 5.93
C HIS A 164 0.14 15.68 6.92
N ASP A 165 -0.14 14.64 7.71
CA ASP A 165 0.81 14.10 8.70
C ASP A 165 0.13 12.98 9.52
N PHE A 166 0.92 12.12 10.22
CA PHE A 166 0.31 11.10 11.10
C PHE A 166 -0.37 11.81 12.27
N ARG A 167 0.26 12.87 12.80
CA ARG A 167 -0.30 13.67 13.88
C ARG A 167 -1.58 14.36 13.40
N ASP A 168 -1.57 14.95 12.20
CA ASP A 168 -2.75 15.63 11.66
C ASP A 168 -3.93 14.65 11.51
N SER A 169 -3.66 13.42 11.04
CA SER A 169 -4.69 12.40 10.83
C SER A 169 -5.14 11.58 12.05
N PHE A 170 -4.24 11.34 13.02
CA PHE A 170 -4.56 10.48 14.16
C PHE A 170 -4.28 11.07 15.53
N ARG A 171 -4.09 12.39 15.64
CA ARG A 171 -3.80 13.06 16.94
C ARG A 171 -4.81 12.70 18.02
N LYS A 172 -6.07 12.62 17.61
CA LYS A 172 -7.19 12.33 18.50
C LYS A 172 -7.15 10.92 19.12
N LEU A 173 -6.29 10.01 18.60
CA LEU A 173 -6.20 8.64 19.13
C LEU A 173 -5.32 8.47 20.37
N GLY A 174 -4.85 9.57 20.94
CA GLY A 174 -4.05 9.55 22.16
C GLY A 174 -4.82 9.22 23.42
N SER A 175 -6.01 8.63 23.25
CA SER A 175 -6.88 8.22 24.35
C SER A 175 -7.37 6.78 24.20
N LEU A 176 -7.09 6.11 23.04
CA LEU A 176 -7.45 4.72 22.78
C LEU A 176 -6.78 3.83 23.80
N LYS A 177 -5.44 3.96 23.95
CA LYS A 177 -4.70 3.12 24.88
C LYS A 177 -5.15 3.32 26.32
N THR A 178 -5.50 4.56 26.72
CA THR A 178 -5.97 4.78 28.10
C THR A 178 -7.37 4.20 28.32
N ALA A 179 -8.20 4.16 27.27
CA ALA A 179 -9.55 3.61 27.38
C ALA A 179 -9.52 2.07 27.26
N LEU A 180 -8.58 1.52 26.49
CA LEU A 180 -8.47 0.07 26.21
C LEU A 180 -7.03 -0.39 26.48
N PRO A 181 -6.58 -0.28 27.74
CA PRO A 181 -5.17 -0.56 28.04
C PRO A 181 -4.70 -1.95 27.76
N MET A 182 -5.61 -2.94 27.73
CA MET A 182 -5.16 -4.31 27.51
C MET A 182 -5.28 -4.78 26.04
N VAL A 183 -5.89 -3.92 25.15
CA VAL A 183 -6.08 -4.24 23.73
C VAL A 183 -4.85 -3.86 22.94
N PRO A 184 -4.21 -4.83 22.26
CA PRO A 184 -3.02 -4.50 21.47
C PRO A 184 -3.38 -3.63 20.28
N ILE A 185 -2.48 -2.71 19.96
CA ILE A 185 -2.61 -1.84 18.78
C ILE A 185 -1.57 -2.26 17.79
N VAL A 186 -1.93 -2.39 16.51
CA VAL A 186 -0.98 -2.71 15.47
C VAL A 186 -0.93 -1.48 14.60
N ALA A 187 0.23 -0.80 14.56
CA ALA A 187 0.40 0.38 13.75
C ALA A 187 1.21 -0.04 12.56
N LEU A 188 0.69 0.20 11.38
CA LEU A 188 1.35 -0.17 10.14
C LEU A 188 1.98 1.04 9.54
N THR A 189 3.21 0.90 9.05
CA THR A 189 3.90 2.02 8.42
C THR A 189 4.68 1.54 7.23
N ALA A 190 4.82 2.43 6.25
CA ALA A 190 5.53 2.10 5.02
C ALA A 190 6.89 2.82 4.95
N THR A 191 7.46 3.20 6.10
CA THR A 191 8.75 3.87 6.13
C THR A 191 9.55 3.41 7.34
N ALA A 192 10.85 3.21 7.19
CA ALA A 192 11.69 2.81 8.33
C ALA A 192 12.24 4.01 9.13
N SER A 193 11.76 5.23 8.83
CA SER A 193 12.13 6.45 9.55
C SER A 193 11.97 6.30 11.07
N SER A 194 13.06 6.53 11.83
CA SER A 194 13.03 6.48 13.28
C SER A 194 12.17 7.63 13.82
N SER A 195 12.23 8.82 13.19
CA SER A 195 11.41 9.96 13.62
C SER A 195 9.92 9.62 13.53
N ILE A 196 9.48 9.02 12.41
CA ILE A 196 8.08 8.62 12.20
C ILE A 196 7.68 7.52 13.18
N ARG A 197 8.56 6.54 13.44
CA ARG A 197 8.26 5.48 14.42
C ARG A 197 8.01 6.10 15.80
N GLU A 198 8.87 7.05 16.19
CA GLU A 198 8.74 7.76 17.46
C GLU A 198 7.44 8.55 17.53
N ASP A 199 7.01 9.16 16.41
CA ASP A 199 5.75 9.92 16.31
C ASP A 199 4.56 8.95 16.53
N ILE A 200 4.65 7.75 15.94
CA ILE A 200 3.61 6.74 16.06
C ILE A 200 3.50 6.26 17.50
N VAL A 201 4.64 5.87 18.11
CA VAL A 201 4.66 5.36 19.48
C VAL A 201 4.10 6.39 20.46
N ALA A 202 4.52 7.67 20.27
CA ALA A 202 4.08 8.76 21.13
C ALA A 202 2.62 9.14 20.94
N CYS A 203 2.15 9.29 19.70
CA CYS A 203 0.77 9.65 19.41
C CYS A 203 -0.18 8.58 19.95
N LEU A 204 0.13 7.31 19.67
CA LEU A 204 -0.75 6.20 20.09
C LEU A 204 -0.54 5.69 21.52
N ASN A 205 0.44 6.23 22.25
CA ASN A 205 0.77 5.76 23.59
C ASN A 205 1.04 4.25 23.66
N LEU A 206 1.80 3.74 22.68
CA LEU A 206 2.15 2.31 22.64
C LEU A 206 3.03 1.88 23.82
N ARG A 207 2.70 0.73 24.42
CA ARG A 207 3.41 0.19 25.59
C ARG A 207 4.39 -0.92 25.16
N ASN A 208 5.72 -0.66 25.24
CA ASN A 208 6.76 -1.64 24.87
C ASN A 208 6.45 -2.37 23.55
N PRO A 209 6.21 -1.62 22.46
CA PRO A 209 5.79 -2.28 21.23
C PRO A 209 6.84 -3.15 20.59
N GLN A 210 6.40 -4.22 19.95
CA GLN A 210 7.31 -5.05 19.18
C GLN A 210 7.47 -4.32 17.84
N ILE A 211 8.69 -4.15 17.37
CA ILE A 211 8.94 -3.45 16.11
C ILE A 211 9.53 -4.46 15.12
N THR A 212 8.89 -4.61 13.98
CA THR A 212 9.32 -5.54 12.95
C THR A 212 9.45 -4.77 11.67
N CYS A 213 10.41 -5.15 10.82
CA CYS A 213 10.58 -4.48 9.54
C CYS A 213 10.91 -5.47 8.43
N THR A 214 10.40 -5.20 7.24
CA THR A 214 10.59 -6.05 6.07
C THR A 214 11.80 -5.69 5.20
N GLY A 215 12.36 -4.48 5.36
CA GLY A 215 13.38 -4.01 4.41
C GLY A 215 12.65 -3.49 3.17
N PHE A 216 13.25 -2.54 2.42
CA PHE A 216 12.50 -1.90 1.32
C PHE A 216 12.99 -2.17 -0.11
N ASP A 217 14.14 -2.80 -0.26
CA ASP A 217 14.62 -3.04 -1.63
C ASP A 217 13.86 -4.14 -2.31
N ARG A 218 13.81 -4.06 -3.65
CA ARG A 218 13.23 -5.04 -4.53
C ARG A 218 14.30 -5.13 -5.63
N PRO A 219 15.37 -5.89 -5.39
CA PRO A 219 16.51 -5.89 -6.33
C PRO A 219 16.22 -6.28 -7.77
N ASN A 220 15.14 -7.02 -7.99
CA ASN A 220 14.79 -7.47 -9.34
C ASN A 220 14.09 -6.40 -10.21
N LEU A 221 13.95 -5.16 -9.71
CA LEU A 221 13.34 -4.10 -10.49
C LEU A 221 14.41 -3.18 -11.06
N TYR A 222 14.51 -3.09 -12.39
CA TYR A 222 15.41 -2.16 -13.06
C TYR A 222 14.64 -0.83 -13.09
N LEU A 223 15.26 0.27 -12.67
CA LEU A 223 14.57 1.57 -12.60
C LEU A 223 15.10 2.54 -13.67
N GLU A 224 14.21 3.17 -14.42
CA GLU A 224 14.59 4.15 -15.42
C GLU A 224 13.63 5.32 -15.46
N VAL A 225 14.18 6.48 -15.75
CA VAL A 225 13.42 7.71 -15.86
C VAL A 225 13.80 8.30 -17.21
N ARG A 226 12.79 8.63 -17.99
CA ARG A 226 13.02 9.13 -19.34
C ARG A 226 12.10 10.26 -19.66
N ARG A 227 12.55 11.30 -20.41
CA ARG A 227 11.65 12.41 -20.74
C ARG A 227 10.70 11.98 -21.84
N LYS A 228 9.49 12.52 -21.79
CA LYS A 228 8.45 12.32 -22.76
C LYS A 228 8.90 12.92 -24.08
N THR A 229 8.40 12.37 -25.18
CA THR A 229 8.82 12.74 -26.54
C THR A 229 7.86 13.66 -27.27
N GLY A 230 6.66 13.87 -26.71
CA GLY A 230 5.63 14.74 -27.24
C GLY A 230 4.42 14.04 -27.88
N ASN A 231 4.29 12.70 -27.72
CA ASN A 231 3.16 11.94 -28.31
C ASN A 231 3.05 10.57 -27.64
N ILE A 232 1.83 10.17 -27.20
CA ILE A 232 1.63 8.92 -26.47
C ILE A 232 2.23 7.68 -27.18
N LEU A 233 1.80 7.43 -28.41
CA LEU A 233 2.27 6.25 -29.14
C LEU A 233 3.76 6.31 -29.38
N GLN A 234 4.31 7.49 -29.66
CA GLN A 234 5.75 7.66 -29.81
C GLN A 234 6.50 7.29 -28.50
N ASP A 235 5.94 7.66 -27.34
CA ASP A 235 6.55 7.36 -26.04
C ASP A 235 6.47 5.86 -25.73
N LEU A 236 5.35 5.21 -26.10
CA LEU A 236 5.15 3.82 -25.74
C LEU A 236 5.69 2.82 -26.78
N GLN A 237 5.90 3.26 -28.03
CA GLN A 237 6.43 2.41 -29.12
C GLN A 237 7.66 1.62 -28.71
N PRO A 238 8.65 2.21 -27.98
CA PRO A 238 9.85 1.44 -27.62
C PRO A 238 9.58 0.23 -26.75
N PHE A 239 8.42 0.19 -26.03
CA PHE A 239 8.07 -0.95 -25.18
C PHE A 239 7.37 -2.10 -25.95
N LEU A 240 7.10 -1.91 -27.24
CA LEU A 240 6.33 -2.86 -28.05
C LEU A 240 7.18 -3.80 -28.87
N VAL A 241 6.80 -5.08 -28.87
CA VAL A 241 7.45 -6.14 -29.65
C VAL A 241 6.45 -6.70 -30.68
N LYS A 242 6.94 -7.10 -31.86
CA LYS A 242 6.07 -7.54 -32.93
C LYS A 242 5.47 -8.92 -32.73
N THR A 243 4.32 -9.17 -33.36
CA THR A 243 3.62 -10.48 -33.42
C THR A 243 2.97 -10.63 -34.80
N HIS A 246 -0.59 -8.00 -34.73
CA HIS A 246 -0.72 -6.86 -33.82
C HIS A 246 0.42 -6.80 -32.80
N TRP A 247 1.03 -5.61 -32.65
CA TRP A 247 2.14 -5.43 -31.70
C TRP A 247 1.65 -5.60 -30.25
N GLU A 248 2.57 -5.94 -29.32
CA GLU A 248 2.18 -6.11 -27.92
C GLU A 248 3.34 -5.78 -26.98
N PHE A 249 3.07 -5.68 -25.67
CA PHE A 249 4.15 -5.46 -24.71
C PHE A 249 4.99 -6.74 -24.56
N GLU A 250 6.20 -6.62 -23.97
CA GLU A 250 7.08 -7.76 -23.70
C GLU A 250 6.41 -8.73 -22.72
N GLY A 251 5.74 -8.20 -21.72
CA GLY A 251 5.02 -9.00 -20.74
C GLY A 251 3.91 -8.23 -20.07
N PRO A 252 3.27 -8.80 -19.02
CA PRO A 252 2.16 -8.09 -18.33
C PRO A 252 2.65 -6.74 -17.81
N THR A 253 1.87 -5.71 -18.12
CA THR A 253 2.30 -4.34 -17.90
C THR A 253 1.22 -3.50 -17.23
N ILE A 254 1.64 -2.64 -16.30
CA ILE A 254 0.70 -1.67 -15.73
C ILE A 254 1.20 -0.32 -16.12
N ILE A 255 0.31 0.53 -16.62
CA ILE A 255 0.66 1.91 -16.91
C ILE A 255 -0.10 2.80 -15.95
N TYR A 256 0.58 3.51 -15.07
CA TYR A 256 -0.07 4.44 -14.13
C TYR A 256 -0.13 5.82 -14.73
N CYS A 257 -1.34 6.44 -14.74
CA CYS A 257 -1.54 7.79 -15.24
C CYS A 257 -2.00 8.71 -14.13
N PRO A 258 -1.72 10.03 -14.24
CA PRO A 258 -2.05 10.93 -13.12
C PRO A 258 -3.52 11.32 -13.01
N SER A 259 -4.29 11.09 -14.07
CA SER A 259 -5.71 11.47 -14.07
C SER A 259 -6.56 10.41 -14.79
N ARG A 260 -7.89 10.37 -14.49
CA ARG A 260 -8.79 9.46 -15.18
C ARG A 260 -8.83 9.83 -16.68
N LYS A 261 -8.76 11.14 -17.03
CA LYS A 261 -8.70 11.56 -18.41
C LYS A 261 -7.48 10.94 -19.12
N MET A 262 -6.27 11.09 -18.55
CA MET A 262 -5.06 10.53 -19.21
C MET A 262 -5.17 9.02 -19.32
N THR A 263 -5.72 8.36 -18.29
CA THR A 263 -5.93 6.91 -18.34
C THR A 263 -6.79 6.52 -19.56
N GLN A 264 -7.87 7.29 -19.82
CA GLN A 264 -8.70 7.02 -20.99
C GLN A 264 -7.98 7.38 -22.28
N GLN A 265 -7.16 8.44 -22.28
CA GLN A 265 -6.43 8.83 -23.50
C GLN A 265 -5.44 7.75 -23.88
N VAL A 266 -4.64 7.27 -22.91
CA VAL A 266 -3.62 6.23 -23.18
C VAL A 266 -4.32 4.93 -23.60
N THR A 267 -5.41 4.58 -22.95
CA THR A 267 -6.17 3.39 -23.28
C THR A 267 -6.67 3.46 -24.76
N GLY A 268 -7.19 4.63 -25.14
CA GLY A 268 -7.69 4.85 -26.51
C GLY A 268 -6.59 4.69 -27.54
N GLU A 269 -5.37 5.15 -27.21
CA GLU A 269 -4.24 5.06 -28.12
C GLU A 269 -3.77 3.65 -28.25
N LEU A 270 -3.67 2.93 -27.11
CA LEU A 270 -3.20 1.55 -27.18
C LEU A 270 -4.16 0.65 -27.96
N ARG A 271 -5.45 0.93 -27.84
CA ARG A 271 -6.47 0.21 -28.56
C ARG A 271 -6.40 0.47 -30.08
N LYS A 272 -5.80 1.61 -30.52
CA LYS A 272 -5.57 1.84 -31.96
C LYS A 272 -4.52 0.83 -32.49
N LEU A 273 -3.63 0.34 -31.62
CA LEU A 273 -2.63 -0.67 -31.94
C LEU A 273 -3.10 -2.12 -31.58
N ASN A 274 -4.38 -2.28 -31.25
CA ASN A 274 -4.99 -3.55 -30.87
C ASN A 274 -4.32 -4.20 -29.67
N LEU A 275 -3.81 -3.38 -28.74
CA LEU A 275 -3.29 -3.93 -27.50
C LEU A 275 -4.45 -4.37 -26.61
N SER A 276 -4.35 -5.54 -25.92
CA SER A 276 -5.43 -5.95 -25.02
C SER A 276 -5.27 -5.20 -23.70
N CYS A 277 -6.17 -4.27 -23.44
CA CYS A 277 -6.13 -3.32 -22.32
C CYS A 277 -7.36 -3.38 -21.44
N GLY A 278 -7.15 -3.00 -20.19
CA GLY A 278 -8.22 -2.73 -19.22
C GLY A 278 -7.89 -1.48 -18.43
N THR A 279 -8.89 -0.70 -18.04
CA THR A 279 -8.67 0.48 -17.19
C THR A 279 -8.98 0.12 -15.73
N TYR A 280 -8.34 0.83 -14.78
CA TYR A 280 -8.56 0.57 -13.37
C TYR A 280 -8.49 1.90 -12.59
N HIS A 281 -9.66 2.43 -12.13
CA HIS A 281 -9.66 3.70 -11.39
C HIS A 281 -10.78 3.76 -10.33
N ALA A 282 -10.68 4.72 -9.38
CA ALA A 282 -11.66 4.91 -8.30
C ALA A 282 -13.06 5.28 -8.77
N GLY A 283 -13.20 5.69 -10.02
CA GLY A 283 -14.51 5.96 -10.59
C GLY A 283 -15.29 4.68 -10.90
N MET A 284 -14.59 3.54 -10.94
CA MET A 284 -15.19 2.24 -11.21
C MET A 284 -15.71 1.63 -9.92
N SER A 285 -16.76 0.82 -10.04
CA SER A 285 -17.32 0.13 -8.90
C SER A 285 -16.37 -1.00 -8.50
N PHE A 286 -16.59 -1.55 -7.29
CA PHE A 286 -15.87 -2.68 -6.74
C PHE A 286 -15.92 -3.88 -7.71
N SER A 287 -17.10 -4.18 -8.24
CA SER A 287 -17.30 -5.34 -9.11
C SER A 287 -16.60 -5.19 -10.46
N THR A 288 -16.62 -3.99 -11.04
CA THR A 288 -15.92 -3.75 -12.33
C THR A 288 -14.39 -3.82 -12.13
N ARG A 289 -13.91 -3.29 -10.98
CA ARG A 289 -12.47 -3.38 -10.69
C ARG A 289 -12.09 -4.83 -10.45
N ALA A 290 -12.95 -5.63 -9.80
CA ALA A 290 -12.67 -7.04 -9.55
C ALA A 290 -12.52 -7.84 -10.86
N ASP A 291 -13.37 -7.54 -11.85
CA ASP A 291 -13.35 -8.17 -13.17
C ASP A 291 -12.03 -7.85 -13.90
N ILE A 292 -11.61 -6.56 -13.96
CA ILE A 292 -10.33 -6.19 -14.59
C ILE A 292 -9.16 -6.89 -13.92
N HIS A 293 -9.15 -6.88 -12.58
CA HIS A 293 -8.11 -7.54 -11.81
C HIS A 293 -8.03 -9.02 -12.12
N HIS A 294 -9.18 -9.68 -12.18
CA HIS A 294 -9.22 -11.11 -12.45
C HIS A 294 -8.69 -11.42 -13.85
N ARG A 295 -9.07 -10.61 -14.83
CA ARG A 295 -8.65 -10.80 -16.21
C ARG A 295 -7.17 -10.55 -16.39
N PHE A 296 -6.63 -9.55 -15.68
CA PHE A 296 -5.19 -9.29 -15.72
C PHE A 296 -4.45 -10.46 -15.06
N VAL A 297 -4.95 -10.94 -13.90
CA VAL A 297 -4.33 -12.09 -13.24
C VAL A 297 -4.30 -13.33 -14.17
N ARG A 298 -5.40 -13.57 -14.90
CA ARG A 298 -5.51 -14.69 -15.82
C ARG A 298 -4.86 -14.48 -17.19
N ASP A 299 -4.23 -13.32 -17.41
CA ASP A 299 -3.57 -12.93 -18.67
C ASP A 299 -4.54 -12.84 -19.86
N GLU A 300 -5.82 -12.56 -19.57
CA GLU A 300 -6.81 -12.28 -20.61
C GLU A 300 -6.66 -10.82 -21.11
N ILE A 301 -5.96 -9.97 -20.35
CA ILE A 301 -5.56 -8.64 -20.77
C ILE A 301 -4.11 -8.52 -20.45
N GLN A 302 -3.37 -7.88 -21.35
CA GLN A 302 -1.95 -7.73 -21.16
C GLN A 302 -1.57 -6.47 -20.41
N CYS A 303 -2.39 -5.43 -20.50
CA CYS A 303 -2.03 -4.14 -19.91
C CYS A 303 -3.17 -3.58 -19.10
N VAL A 304 -2.91 -3.15 -17.86
CA VAL A 304 -3.89 -2.41 -17.11
C VAL A 304 -3.40 -0.94 -17.07
N ILE A 305 -4.26 0.01 -17.47
CA ILE A 305 -3.95 1.43 -17.39
C ILE A 305 -4.73 1.93 -16.16
N ALA A 306 -4.01 2.37 -15.14
CA ALA A 306 -4.61 2.73 -13.86
C ALA A 306 -4.38 4.16 -13.39
N THR A 307 -5.30 4.72 -12.56
CA THR A 307 -5.09 6.03 -11.95
C THR A 307 -4.81 5.88 -10.46
N MET A 312 -6.50 0.31 -3.32
CA MET A 312 -6.94 -0.02 -4.68
C MET A 312 -5.75 -0.55 -5.50
N GLY A 313 -5.13 -1.62 -5.01
CA GLY A 313 -3.97 -2.19 -5.65
C GLY A 313 -4.25 -3.35 -6.56
N ILE A 314 -3.20 -3.75 -7.30
CA ILE A 314 -3.22 -4.85 -8.22
C ILE A 314 -2.19 -5.90 -7.79
N ASN A 315 -2.65 -7.08 -7.38
CA ASN A 315 -1.75 -8.13 -6.95
C ASN A 315 -1.68 -9.17 -8.02
N LYS A 316 -0.55 -9.24 -8.70
CA LYS A 316 -0.30 -10.23 -9.73
C LYS A 316 1.17 -10.60 -9.58
N ALA A 317 1.50 -11.88 -9.65
CA ALA A 317 2.87 -12.37 -9.47
C ALA A 317 3.90 -11.93 -10.50
N ASP A 318 3.51 -11.90 -11.76
CA ASP A 318 4.42 -11.74 -12.88
C ASP A 318 4.26 -10.47 -13.71
N ILE A 319 4.15 -9.30 -13.03
CA ILE A 319 4.11 -8.04 -13.77
C ILE A 319 5.52 -7.76 -14.17
N ARG A 320 5.80 -7.71 -15.49
CA ARG A 320 7.14 -7.52 -16.03
C ARG A 320 7.52 -6.08 -16.28
N GLN A 321 6.53 -5.20 -16.40
CA GLN A 321 6.82 -3.80 -16.69
C GLN A 321 5.83 -2.88 -16.03
N VAL A 322 6.32 -1.84 -15.38
CA VAL A 322 5.50 -0.77 -14.87
C VAL A 322 5.93 0.47 -15.62
N ILE A 323 4.95 1.25 -16.08
CA ILE A 323 5.28 2.54 -16.69
C ILE A 323 4.49 3.59 -15.99
N HIS A 324 5.12 4.68 -15.50
CA HIS A 324 4.37 5.80 -14.98
C HIS A 324 4.31 6.76 -16.17
N TYR A 325 3.14 6.94 -16.75
CA TYR A 325 2.99 7.82 -17.89
C TYR A 325 2.66 9.19 -17.31
N GLY A 326 3.71 9.96 -17.06
CA GLY A 326 3.60 11.23 -16.36
C GLY A 326 4.25 11.11 -14.98
N ALA A 327 4.81 12.23 -14.46
CA ALA A 327 5.46 12.22 -13.15
C ALA A 327 4.56 11.68 -12.05
N PRO A 328 5.09 10.81 -11.20
CA PRO A 328 4.29 10.33 -10.07
C PRO A 328 4.03 11.49 -9.09
N LYS A 329 3.02 11.29 -8.24
CA LYS A 329 2.58 12.28 -7.26
C LYS A 329 3.64 12.59 -6.20
N ASP A 330 4.24 11.54 -5.65
CA ASP A 330 5.23 11.67 -4.58
C ASP A 330 5.96 10.35 -4.46
N MET A 331 7.07 10.34 -3.71
CA MET A 331 7.86 9.11 -3.55
C MET A 331 7.08 7.95 -2.94
N GLU A 332 6.21 8.22 -1.94
CA GLU A 332 5.45 7.11 -1.32
C GLU A 332 4.52 6.39 -2.29
N SER A 333 3.74 7.15 -3.07
CA SER A 333 2.81 6.52 -4.01
C SER A 333 3.62 5.89 -5.18
N TYR A 334 4.65 6.57 -5.63
CA TYR A 334 5.57 6.00 -6.66
C TYR A 334 6.09 4.60 -6.26
N TYR A 335 6.59 4.51 -5.02
CA TYR A 335 7.17 3.28 -4.48
C TYR A 335 6.13 2.18 -4.40
N GLN A 336 4.94 2.51 -3.88
CA GLN A 336 3.84 1.56 -3.80
C GLN A 336 3.45 1.07 -5.21
N GLU A 337 3.45 1.97 -6.19
CA GLU A 337 3.06 1.62 -7.55
C GLU A 337 4.07 0.73 -8.25
N ILE A 338 5.38 1.09 -8.18
CA ILE A 338 6.37 0.23 -8.79
C ILE A 338 6.47 -1.14 -8.07
N GLY A 339 6.11 -1.15 -6.76
CA GLY A 339 6.12 -2.36 -5.93
C GLY A 339 5.20 -3.47 -6.43
N ARG A 340 4.27 -3.13 -7.32
CA ARG A 340 3.39 -4.14 -7.89
C ARG A 340 4.18 -5.03 -8.92
N ALA A 341 5.35 -4.56 -9.39
CA ALA A 341 6.16 -5.29 -10.34
C ALA A 341 6.97 -6.42 -9.70
N GLY A 342 7.26 -7.44 -10.51
CA GLY A 342 8.11 -8.57 -10.19
C GLY A 342 7.93 -9.18 -8.83
N ARG A 343 6.68 -9.39 -8.43
CA ARG A 343 6.40 -10.03 -7.14
C ARG A 343 6.87 -11.49 -7.07
N ASP A 344 7.18 -12.10 -8.23
CA ASP A 344 7.72 -13.45 -8.35
C ASP A 344 9.26 -13.51 -8.19
N GLY A 345 9.92 -12.37 -8.02
CA GLY A 345 11.36 -12.31 -7.89
C GLY A 345 12.14 -12.25 -9.18
N LEU A 346 11.48 -12.46 -10.31
CA LEU A 346 12.12 -12.43 -11.63
C LEU A 346 12.33 -10.99 -12.13
N GLN A 347 13.26 -10.80 -13.09
CA GLN A 347 13.55 -9.46 -13.60
C GLN A 347 12.33 -8.72 -14.14
N SER A 348 12.14 -7.47 -13.68
CA SER A 348 11.10 -6.56 -14.14
C SER A 348 11.72 -5.18 -14.33
N SER A 349 11.01 -4.32 -15.04
CA SER A 349 11.51 -2.97 -15.28
C SER A 349 10.42 -1.97 -14.88
N CYS A 350 10.82 -0.80 -14.41
CA CYS A 350 9.87 0.22 -14.01
C CYS A 350 10.40 1.50 -14.62
N HIS A 351 9.64 2.08 -15.57
CA HIS A 351 10.07 3.30 -16.26
C HIS A 351 9.12 4.43 -15.92
N VAL A 352 9.67 5.64 -15.70
CA VAL A 352 8.87 6.84 -15.56
C VAL A 352 9.06 7.60 -16.85
N LEU A 353 7.98 7.97 -17.51
CA LEU A 353 8.06 8.84 -18.68
C LEU A 353 7.47 10.15 -18.20
N TRP A 354 8.26 11.23 -18.17
CA TRP A 354 7.76 12.47 -17.59
C TRP A 354 8.19 13.70 -18.38
N ALA A 355 7.61 14.82 -18.01
CA ALA A 355 8.00 16.12 -18.57
C ALA A 355 7.77 17.16 -17.45
N PRO A 356 8.62 18.20 -17.36
CA PRO A 356 8.41 19.22 -16.31
C PRO A 356 7.00 19.81 -16.26
N ALA A 357 6.25 19.81 -17.38
CA ALA A 357 4.90 20.38 -17.37
C ALA A 357 3.83 19.47 -16.80
N ASP A 358 4.22 18.23 -16.41
CA ASP A 358 3.26 17.27 -15.85
C ASP A 358 2.50 17.79 -14.63
N ILE A 359 1.22 17.46 -14.54
CA ILE A 359 0.31 17.94 -13.50
C ILE A 359 0.80 17.66 -12.07
N ASN A 360 1.50 16.54 -11.83
CA ASN A 360 2.02 16.26 -10.48
C ASN A 360 3.25 17.09 -10.09
N LEU A 361 3.78 17.92 -11.02
CA LEU A 361 4.85 18.86 -10.72
C LEU A 361 4.42 20.33 -10.93
N ASN A 362 3.13 20.56 -11.24
CA ASN A 362 2.55 21.88 -11.46
C ASN A 362 2.39 22.52 -10.08
N ARG A 363 3.21 23.52 -9.80
CA ARG A 363 3.20 24.18 -8.49
C ARG A 363 1.98 25.08 -8.28
N HIS A 364 1.19 25.38 -9.33
CA HIS A 364 0.03 26.26 -9.25
C HIS A 364 -1.00 25.85 -8.20
N LEU A 365 -1.43 24.57 -8.19
CA LEU A 365 -2.41 24.12 -7.20
C LEU A 365 -1.86 24.12 -5.75
N LEU A 366 -0.55 23.91 -5.60
CA LEU A 366 0.09 23.94 -4.28
C LEU A 366 0.26 25.40 -3.83
N THR A 367 0.68 26.27 -4.75
CA THR A 367 0.84 27.71 -4.55
C THR A 367 -0.52 28.42 -4.28
N GLU A 368 -1.65 27.77 -4.63
CA GLU A 368 -3.00 28.25 -4.40
C GLU A 368 -3.39 28.07 -2.92
N ILE A 369 -2.85 27.03 -2.23
CA ILE A 369 -3.11 26.76 -0.83
C ILE A 369 -2.73 27.97 0.03
N ARG A 370 -3.70 28.53 0.76
CA ARG A 370 -3.42 29.73 1.57
C ARG A 370 -2.66 29.38 2.83
N ASN A 371 -2.96 28.22 3.45
CA ASN A 371 -2.30 27.74 4.65
C ASN A 371 -0.80 27.53 4.42
N ALA A 372 0.05 28.03 5.33
CA ALA A 372 1.49 27.89 5.17
C ALA A 372 2.00 26.46 5.42
N LYS A 373 1.49 25.77 6.45
CA LYS A 373 1.93 24.42 6.79
C LYS A 373 1.65 23.32 5.72
N PHE A 374 0.39 23.24 5.23
CA PHE A 374 0.05 22.24 4.22
C PHE A 374 0.63 22.65 2.83
N ARG A 375 0.89 23.93 2.59
CA ARG A 375 1.52 24.40 1.37
C ARG A 375 3.02 23.97 1.39
N LEU A 376 3.66 24.01 2.58
CA LEU A 376 5.05 23.54 2.72
C LEU A 376 5.17 22.03 2.61
N TYR A 377 4.26 21.24 3.25
CA TYR A 377 4.30 19.76 3.23
C TYR A 377 4.20 19.25 1.78
N LYS A 378 3.22 19.75 1.03
CA LYS A 378 3.02 19.32 -0.36
C LYS A 378 4.16 19.77 -1.26
N LEU A 379 4.67 20.99 -1.04
CA LEU A 379 5.79 21.51 -1.80
C LEU A 379 7.05 20.67 -1.54
N LYS A 380 7.24 20.21 -0.29
CA LYS A 380 8.40 19.39 0.04
C LYS A 380 8.31 18.03 -0.65
N MET A 381 7.10 17.45 -0.69
CA MET A 381 6.91 16.14 -1.32
C MET A 381 7.14 16.24 -2.83
N MET A 382 6.67 17.33 -3.44
CA MET A 382 6.82 17.54 -4.87
C MET A 382 8.27 17.79 -5.24
N ALA A 383 9.01 18.50 -4.35
CA ALA A 383 10.43 18.79 -4.58
C ALA A 383 11.25 17.49 -4.54
N LYS A 384 10.93 16.58 -3.60
CA LYS A 384 11.63 15.29 -3.46
C LYS A 384 11.38 14.46 -4.72
N MET A 385 10.14 14.44 -5.22
CA MET A 385 9.83 13.71 -6.45
C MET A 385 10.63 14.28 -7.67
N GLU A 386 10.63 15.60 -7.84
CA GLU A 386 11.34 16.30 -8.90
C GLU A 386 12.86 16.04 -8.85
N LYS A 387 13.40 15.99 -7.63
CA LYS A 387 14.84 15.78 -7.45
C LYS A 387 15.19 14.37 -7.90
N TYR A 388 14.35 13.37 -7.52
CA TYR A 388 14.52 11.98 -7.98
C TYR A 388 14.49 11.96 -9.52
N LEU A 389 13.48 12.59 -10.16
CA LEU A 389 13.36 12.53 -11.62
C LEU A 389 14.56 13.10 -12.33
N HIS A 390 15.11 14.22 -11.81
CA HIS A 390 16.25 14.88 -12.44
C HIS A 390 17.63 14.26 -12.08
N SER A 391 17.65 13.37 -11.09
CA SER A 391 18.91 12.84 -10.57
C SER A 391 19.81 12.15 -11.54
N SER A 392 21.13 12.33 -11.36
CA SER A 392 22.08 11.53 -12.11
C SER A 392 22.64 10.39 -11.16
N ARG A 393 22.18 10.30 -9.91
CA ARG A 393 22.64 9.32 -8.95
C ARG A 393 21.85 8.01 -9.09
N CYS A 394 22.33 6.92 -8.46
CA CYS A 394 21.62 5.63 -8.45
C CYS A 394 20.18 5.81 -7.94
N ARG A 395 19.21 5.46 -8.78
CA ARG A 395 17.79 5.59 -8.40
C ARG A 395 17.45 4.70 -7.20
N ARG A 396 18.05 3.49 -7.13
CA ARG A 396 17.81 2.54 -6.03
C ARG A 396 18.28 3.09 -4.69
N GLN A 397 19.45 3.73 -4.69
CA GLN A 397 19.99 4.33 -3.46
C GLN A 397 19.11 5.46 -3.01
N ILE A 398 18.58 6.28 -3.94
CA ILE A 398 17.69 7.36 -3.57
C ILE A 398 16.45 6.83 -2.85
N ILE A 399 15.90 5.72 -3.37
CA ILE A 399 14.70 5.13 -2.78
C ILE A 399 14.98 4.55 -1.42
N LEU A 400 16.09 3.85 -1.27
CA LEU A 400 16.47 3.25 0.00
C LEU A 400 16.74 4.29 1.08
N SER A 401 17.36 5.39 0.69
CA SER A 401 17.62 6.51 1.59
C SER A 401 16.33 7.21 1.97
N HIS A 402 15.38 7.35 1.00
CA HIS A 402 14.10 8.03 1.27
C HIS A 402 13.32 7.34 2.35
N PHE A 403 13.27 6.02 2.27
CA PHE A 403 12.53 5.24 3.25
C PHE A 403 13.35 4.98 4.54
N GLU A 404 14.53 5.61 4.66
CA GLU A 404 15.45 5.53 5.78
C GLU A 404 15.77 4.07 6.12
N ASP A 405 15.98 3.27 5.08
CA ASP A 405 16.42 1.89 5.17
C ASP A 405 17.93 2.08 5.07
N LYS A 406 18.60 2.46 6.17
CA LYS A 406 20.02 2.77 6.14
C LYS A 406 20.91 1.53 6.26
N GLN A 407 20.41 0.48 6.92
CA GLN A 407 21.12 -0.79 7.01
C GLN A 407 20.85 -1.51 5.69
N VAL A 408 21.58 -1.12 4.65
CA VAL A 408 21.43 -1.69 3.32
C VAL A 408 21.75 -3.20 3.35
N GLN A 409 20.97 -4.02 2.66
CA GLN A 409 21.23 -5.47 2.63
C GLN A 409 22.34 -5.77 1.63
N LYS A 410 23.02 -6.92 1.79
CA LYS A 410 24.08 -7.32 0.87
C LYS A 410 23.53 -7.49 -0.55
N ALA A 411 22.27 -7.98 -0.67
CA ALA A 411 21.60 -8.13 -1.97
C ALA A 411 21.51 -6.78 -2.68
N SER A 412 21.21 -5.71 -1.93
CA SER A 412 21.14 -4.35 -2.44
C SER A 412 22.51 -3.88 -2.93
N LEU A 413 23.56 -4.12 -2.14
CA LEU A 413 24.92 -3.77 -2.57
C LEU A 413 25.38 -4.54 -3.79
N GLY A 414 24.86 -5.75 -3.97
CA GLY A 414 25.21 -6.57 -5.12
C GLY A 414 24.53 -6.05 -6.36
N ILE A 415 23.24 -5.62 -6.24
CA ILE A 415 22.55 -5.11 -7.42
C ILE A 415 23.05 -3.73 -7.79
N MET A 416 23.25 -2.84 -6.78
CA MET A 416 23.61 -1.47 -7.09
C MET A 416 24.91 -1.35 -7.90
N GLY A 417 24.95 -0.38 -8.80
CA GLY A 417 26.12 -0.16 -9.63
C GLY A 417 26.21 -1.00 -10.90
N THR A 418 25.32 -2.00 -11.03
CA THR A 418 25.30 -2.91 -12.17
C THR A 418 24.33 -2.45 -13.25
N GLU A 419 24.40 -3.07 -14.46
CA GLU A 419 23.52 -2.70 -15.57
C GLU A 419 22.04 -2.92 -15.24
N LYS A 420 21.71 -3.90 -14.38
CA LYS A 420 20.31 -4.19 -14.06
C LYS A 420 19.78 -3.34 -12.91
N CYS A 421 20.59 -2.49 -12.29
CA CYS A 421 20.09 -1.67 -11.17
C CYS A 421 19.18 -0.56 -11.65
N CYS A 422 19.73 0.38 -12.41
CA CYS A 422 18.96 1.54 -12.85
C CYS A 422 19.66 2.21 -14.01
N ASP A 423 18.96 3.14 -14.66
CA ASP A 423 19.52 3.83 -15.83
C ASP A 423 20.80 4.59 -15.57
N ASN A 424 20.93 5.20 -14.40
CA ASN A 424 22.14 5.97 -14.07
C ASN A 424 23.31 5.06 -13.80
N CYS A 425 23.09 3.93 -13.11
CA CYS A 425 24.12 2.92 -12.91
C CYS A 425 24.55 2.32 -14.24
N ARG A 426 23.61 2.07 -15.11
CA ARG A 426 23.89 1.52 -16.45
C ARG A 426 24.68 2.47 -17.33
N SER A 427 24.33 3.77 -17.32
CA SER A 427 25.08 4.73 -18.16
C SER A 427 26.48 5.00 -17.61
N ALA A 428 26.69 4.84 -16.28
CA ALA A 428 28.03 5.01 -15.69
C ALA A 428 28.98 3.89 -16.18
N LEU A 429 28.40 2.74 -16.63
CA LEU A 429 29.13 1.61 -17.18
C LEU A 429 29.36 1.70 -18.69
N ASP A 430 28.94 2.79 -19.36
CA ASP A 430 29.18 2.98 -20.78
C ASP A 430 30.66 3.21 -21.10
ZN ZN B . 21.45 2.17 -9.52
PG AGS C . -0.56 -3.55 -2.69
S1G AGS C . -0.97 -4.48 -4.29
O2G AGS C . 0.97 -3.09 -2.53
O3G AGS C . -1.42 -2.21 -2.46
PB AGS C . -0.78 -3.75 0.09
O1B AGS C . -1.83 -2.72 0.36
O2B AGS C . 0.75 -3.28 0.34
O3B AGS C . -0.77 -4.43 -1.36
PA AGS C . -2.06 -6.03 1.04
O1A AGS C . -3.25 -5.57 0.30
O2A AGS C . -2.27 -6.34 2.59
O3A AGS C . -0.77 -5.08 1.01
O5' AGS C . -1.45 -7.43 0.52
C5' AGS C . -0.71 -7.60 -0.70
C4' AGS C . -1.21 -8.90 -1.39
O4' AGS C . -0.57 -9.99 -0.71
C3' AGS C . -2.73 -9.14 -1.24
O3' AGS C . -3.23 -9.65 -2.50
C2' AGS C . -2.82 -10.30 -0.22
O2' AGS C . -3.94 -11.15 -0.51
C1' AGS C . -1.49 -11.04 -0.44
N9 AGS C . -1.09 -11.78 0.74
C8 AGS C . -1.26 -11.45 2.01
N7 AGS C . -0.82 -12.36 2.79
C5 AGS C . -0.34 -13.39 2.05
C6 AGS C . 0.17 -14.64 2.37
N6 AGS C . 0.36 -15.05 3.66
N1 AGS C . 0.50 -15.44 1.33
C2 AGS C . 0.28 -15.08 0.04
N3 AGS C . -0.26 -13.87 -0.27
C4 AGS C . -0.54 -13.01 0.72
#